data_4F7H
#
_entry.id   4F7H
#
_cell.length_a   58.474
_cell.length_b   58.474
_cell.length_c   92.249
_cell.angle_alpha   90.00
_cell.angle_beta   90.00
_cell.angle_gamma   90.00
#
_symmetry.space_group_name_H-M   'P 43 21 2'
#
loop_
_entity.id
_entity.type
_entity.pdbx_description
1 polymer 'Fermitin family homolog 2'
2 non-polymer 'S,R MESO-TARTARIC ACID'
3 water water
#
_entity_poly.entity_id   1
_entity_poly.type   'polypeptide(L)'
_entity_poly.pdbx_seq_one_letter_code
;SSIMTSENHLNNSDKEVDEVDAALSDLEITLEGGKTSTILGDITSIPELADYIKVFKPKKLTLKGYKQYWCTFKDTSISC
YKSKEESSGTPAHQMNLRGCEVTPDVNISGQKFNIKLLIPVAEGMNEIWLRCDNEKQYAHWMAACRLASKGKTMADSSYN
LEVQNILSFLKMQ
;
_entity_poly.pdbx_strand_id   A
#
loop_
_chem_comp.id
_chem_comp.type
_chem_comp.name
_chem_comp.formula
SRT non-polymer 'S,R MESO-TARTARIC ACID' 'C4 H6 O6'
#
# COMPACT_ATOMS: atom_id res chain seq x y z
N ILE A 39 21.09 -2.29 11.83
CA ILE A 39 21.06 -2.60 13.27
C ILE A 39 21.31 -1.37 14.14
N LEU A 40 21.07 -1.53 15.45
CA LEU A 40 20.72 -0.44 16.38
C LEU A 40 19.45 0.32 15.94
N GLY A 41 18.63 -0.29 15.07
CA GLY A 41 17.38 0.31 14.60
C GLY A 41 16.18 -0.62 14.51
N ASP A 42 14.99 -0.02 14.45
CA ASP A 42 13.73 -0.75 14.37
C ASP A 42 13.18 -0.70 12.94
N ILE A 43 11.88 -0.88 12.82
CA ILE A 43 11.24 -0.87 11.50
C ILE A 43 11.44 0.49 10.77
N THR A 44 11.52 1.58 11.52
CA THR A 44 11.66 2.88 10.87
C THR A 44 13.06 3.11 10.31
N SER A 45 14.04 2.33 10.78
CA SER A 45 15.42 2.45 10.31
C SER A 45 15.64 1.85 8.90
N ILE A 46 14.70 1.07 8.41
CA ILE A 46 14.91 0.33 7.16
C ILE A 46 14.82 1.18 5.87
N PRO A 47 13.71 1.92 5.67
CA PRO A 47 12.46 1.95 6.45
C PRO A 47 11.39 1.05 5.82
N GLU A 48 10.41 0.59 6.59
CA GLU A 48 9.35 -0.28 6.10
C GLU A 48 8.06 0.19 6.72
N LEU A 49 6.96 -0.28 6.16
CA LEU A 49 5.68 -0.05 6.79
C LEU A 49 5.15 -1.37 7.29
N ALA A 50 4.34 -1.27 8.31
CA ALA A 50 3.65 -2.43 8.87
C ALA A 50 2.41 -1.86 9.54
N ASP A 51 1.25 -2.19 9.01
CA ASP A 51 0.02 -1.65 9.59
C ASP A 51 -1.19 -2.47 9.23
N TYR A 52 -2.30 -2.17 9.88
CA TYR A 52 -3.60 -2.71 9.43
C TYR A 52 -4.08 -1.91 8.25
N ILE A 53 -4.22 -2.57 7.10
CA ILE A 53 -4.70 -1.97 5.85
C ILE A 53 -5.87 -2.83 5.37
N LYS A 54 -6.96 -2.20 4.91
CA LYS A 54 -8.03 -2.94 4.22
C LYS A 54 -7.72 -3.17 2.74
N VAL A 55 -7.96 -4.40 2.28
CA VAL A 55 -7.58 -4.77 0.91
C VAL A 55 -8.78 -5.40 0.20
N PHE A 56 -9.19 -4.77 -0.90
CA PHE A 56 -10.24 -5.32 -1.76
C PHE A 56 -9.62 -5.93 -3.01
N LYS A 57 -9.72 -7.25 -3.11
CA LYS A 57 -9.20 -7.94 -4.27
C LYS A 57 -10.33 -8.73 -4.90
N PRO A 58 -11.02 -8.15 -5.89
CA PRO A 58 -12.09 -8.88 -6.57
C PRO A 58 -11.65 -10.18 -7.26
N LYS A 59 -12.53 -11.16 -7.27
CA LYS A 59 -12.22 -12.46 -7.86
C LYS A 59 -13.47 -12.98 -8.52
N LYS A 60 -13.32 -13.57 -9.69
CA LYS A 60 -14.39 -14.18 -10.44
C LYS A 60 -15.38 -15.01 -9.59
N LEU A 61 -16.68 -14.68 -9.68
CA LEU A 61 -17.75 -15.47 -9.02
C LEU A 61 -17.58 -15.53 -7.51
N THR A 62 -16.86 -14.57 -6.93
CA THR A 62 -16.59 -14.62 -5.49
C THR A 62 -17.01 -13.27 -4.93
N LEU A 63 -17.77 -13.29 -3.85
CA LEU A 63 -18.11 -12.04 -3.15
C LEU A 63 -16.95 -11.57 -2.25
N LYS A 64 -16.42 -10.38 -2.55
CA LYS A 64 -15.27 -9.88 -1.81
C LYS A 64 -15.54 -8.45 -1.37
N GLY A 65 -14.85 -8.02 -0.32
CA GLY A 65 -15.02 -6.67 0.20
C GLY A 65 -13.70 -6.07 0.67
N TYR A 66 -13.76 -4.98 1.40
CA TYR A 66 -12.52 -4.47 1.97
C TYR A 66 -12.15 -5.28 3.22
N LYS A 67 -11.30 -6.28 3.08
CA LYS A 67 -10.91 -7.04 4.27
C LYS A 67 -9.70 -6.45 5.01
N GLN A 68 -9.84 -6.25 6.32
CA GLN A 68 -8.68 -5.81 7.10
C GLN A 68 -7.62 -6.93 7.22
N TYR A 69 -6.40 -6.61 6.78
CA TYR A 69 -5.21 -7.45 6.93
C TYR A 69 -4.13 -6.70 7.69
N TRP A 70 -3.24 -7.45 8.32
CA TRP A 70 -1.98 -6.90 8.83
C TRP A 70 -1.00 -6.95 7.66
N CYS A 71 -0.51 -5.79 7.22
CA CYS A 71 0.31 -5.72 6.01
C CYS A 71 1.66 -5.10 6.25
N THR A 72 2.66 -5.56 5.50
CA THR A 72 3.97 -4.96 5.51
C THR A 72 4.26 -4.41 4.13
N PHE A 73 5.07 -3.36 4.10
CA PHE A 73 5.61 -2.86 2.84
C PHE A 73 7.14 -2.92 3.01
N LYS A 74 7.78 -3.77 2.22
CA LYS A 74 9.21 -4.03 2.31
C LYS A 74 9.75 -4.04 0.89
N ASP A 75 10.83 -3.30 0.66
CA ASP A 75 11.44 -3.21 -0.67
C ASP A 75 10.38 -2.71 -1.64
N THR A 76 9.94 -3.54 -2.60
CA THR A 76 8.87 -3.08 -3.50
C THR A 76 7.60 -3.95 -3.40
N SER A 77 7.45 -4.66 -2.28
CA SER A 77 6.37 -5.65 -2.17
C SER A 77 5.46 -5.43 -0.97
N ILE A 78 4.18 -5.69 -1.18
CA ILE A 78 3.21 -5.74 -0.07
C ILE A 78 2.88 -7.19 0.34
N SER A 79 2.99 -7.50 1.63
CA SER A 79 2.54 -8.81 2.13
C SER A 79 1.31 -8.59 3.01
N CYS A 80 0.28 -9.43 2.81
CA CYS A 80 -0.98 -9.33 3.57
C CYS A 80 -1.17 -10.55 4.43
N TYR A 81 -1.39 -10.32 5.71
CA TYR A 81 -1.60 -11.44 6.64
C TYR A 81 -2.94 -11.33 7.35
N LYS A 82 -3.54 -12.47 7.72
CA LYS A 82 -4.87 -12.47 8.32
C LYS A 82 -4.91 -11.66 9.61
N SER A 83 -3.78 -11.64 10.32
CA SER A 83 -3.64 -10.88 11.55
C SER A 83 -2.18 -10.75 11.86
N LYS A 84 -1.84 -9.94 12.87
CA LYS A 84 -0.46 -9.81 13.30
C LYS A 84 0.01 -11.18 13.79
N GLU A 85 -0.89 -11.90 14.47
CA GLU A 85 -0.66 -13.22 15.04
C GLU A 85 -0.32 -14.31 14.00
N GLU A 86 -0.60 -14.05 12.72
CA GLU A 86 -0.30 -15.02 11.68
C GLU A 86 0.66 -14.49 10.65
N SER A 87 1.56 -13.57 11.04
CA SER A 87 2.41 -12.94 10.05
C SER A 87 3.82 -13.53 9.92
N SER A 88 4.09 -14.62 10.64
CA SER A 88 5.35 -15.36 10.49
C SER A 88 5.23 -16.35 9.33
N GLY A 89 4.00 -16.73 9.02
CA GLY A 89 3.74 -17.68 7.95
C GLY A 89 3.65 -17.08 6.56
N THR A 90 3.02 -17.84 5.66
CA THR A 90 2.79 -17.45 4.27
C THR A 90 1.69 -16.40 4.24
N PRO A 91 1.89 -15.31 3.48
CA PRO A 91 0.87 -14.26 3.39
C PRO A 91 -0.45 -14.76 2.81
N ALA A 92 -1.55 -14.11 3.20
CA ALA A 92 -2.84 -14.34 2.55
C ALA A 92 -2.76 -13.84 1.11
N HIS A 93 -2.02 -12.75 0.91
CA HIS A 93 -1.72 -12.19 -0.42
C HIS A 93 -0.31 -11.59 -0.45
N GLN A 94 0.38 -11.72 -1.57
CA GLN A 94 1.67 -11.04 -1.68
C GLN A 94 1.83 -10.49 -3.07
N MET A 95 2.29 -9.25 -3.16
CA MET A 95 2.45 -8.65 -4.48
C MET A 95 3.67 -7.76 -4.57
N ASN A 96 4.42 -7.93 -5.66
CA ASN A 96 5.55 -7.08 -5.95
C ASN A 96 5.03 -5.98 -6.87
N LEU A 97 5.16 -4.73 -6.47
CA LEU A 97 4.52 -3.60 -7.16
C LEU A 97 5.35 -3.05 -8.30
N ARG A 98 6.53 -3.61 -8.58
CA ARG A 98 7.30 -3.09 -9.74
C ARG A 98 6.48 -3.06 -11.02
N GLY A 99 6.50 -1.89 -11.68
CA GLY A 99 5.84 -1.72 -12.95
C GLY A 99 4.35 -1.49 -12.82
N CYS A 100 3.84 -1.40 -11.59
CA CYS A 100 2.37 -1.30 -11.42
C CYS A 100 1.89 0.11 -11.72
N GLU A 101 0.60 0.20 -12.05
CA GLU A 101 -0.09 1.50 -12.10
C GLU A 101 -0.76 1.81 -10.78
N VAL A 102 -0.54 3.01 -10.27
CA VAL A 102 -1.04 3.42 -8.94
C VAL A 102 -1.94 4.59 -9.18
N THR A 103 -3.20 4.48 -8.73
CA THR A 103 -4.20 5.50 -8.96
C THR A 103 -4.82 5.90 -7.61
N PRO A 104 -4.74 7.18 -7.25
CA PRO A 104 -5.49 7.67 -6.06
C PRO A 104 -7.02 7.56 -6.20
N ASP A 105 -7.70 7.16 -5.13
CA ASP A 105 -9.17 7.18 -5.11
C ASP A 105 -9.58 7.86 -3.80
N VAL A 106 -9.56 9.18 -3.84
CA VAL A 106 -9.66 10.00 -2.64
C VAL A 106 -10.83 10.98 -2.67
N ASN A 107 -11.53 11.04 -1.54
CA ASN A 107 -12.50 12.11 -1.28
C ASN A 107 -12.33 12.53 0.17
N ILE A 108 -11.86 13.77 0.41
CA ILE A 108 -11.53 14.18 1.77
C ILE A 108 -12.80 14.25 2.61
N SER A 109 -13.84 14.90 2.09
CA SER A 109 -15.14 14.97 2.77
C SER A 109 -15.65 13.60 3.21
N GLY A 110 -15.46 12.58 2.37
CA GLY A 110 -15.97 11.27 2.70
C GLY A 110 -15.02 10.47 3.55
N GLN A 111 -13.90 11.10 3.91
CA GLN A 111 -12.80 10.39 4.55
C GLN A 111 -12.48 9.12 3.75
N LYS A 112 -12.49 9.24 2.40
CA LYS A 112 -12.08 8.10 1.57
C LYS A 112 -10.62 8.22 1.11
N PHE A 113 -9.79 7.28 1.56
CA PHE A 113 -8.35 7.24 1.21
C PHE A 113 -7.97 5.90 0.61
N ASN A 114 -8.40 5.71 -0.64
CA ASN A 114 -8.14 4.47 -1.37
C ASN A 114 -7.02 4.57 -2.41
N ILE A 115 -6.37 3.43 -2.62
CA ILE A 115 -5.31 3.30 -3.61
C ILE A 115 -5.64 2.15 -4.51
N LYS A 116 -5.78 2.42 -5.81
CA LYS A 116 -5.96 1.36 -6.79
C LYS A 116 -4.63 0.94 -7.40
N LEU A 117 -4.40 -0.37 -7.46
CA LEU A 117 -3.17 -0.94 -8.03
C LEU A 117 -3.49 -1.86 -9.19
N LEU A 118 -2.77 -1.66 -10.29
CA LEU A 118 -2.79 -2.60 -11.44
C LEU A 118 -1.39 -3.12 -11.63
N ILE A 119 -1.19 -4.41 -11.39
CA ILE A 119 0.16 -5.01 -11.29
C ILE A 119 0.45 -6.00 -12.42
N PRO A 120 1.51 -5.73 -13.24
CA PRO A 120 1.89 -6.65 -14.34
C PRO A 120 2.52 -7.95 -13.80
N VAL A 121 1.91 -9.08 -14.16
CA VAL A 121 2.45 -10.41 -13.82
C VAL A 121 2.80 -11.16 -15.12
N ALA A 122 3.48 -12.31 -15.00
CA ALA A 122 4.12 -12.97 -16.16
C ALA A 122 3.18 -13.26 -17.34
N GLU A 123 1.92 -13.51 -17.00
CA GLU A 123 0.87 -13.72 -17.99
C GLU A 123 -0.43 -13.10 -17.48
N GLY A 124 -0.45 -11.75 -17.43
CA GLY A 124 -1.63 -11.02 -17.01
C GLY A 124 -1.35 -9.69 -16.30
N MET A 125 -2.41 -9.12 -15.73
CA MET A 125 -2.34 -7.91 -14.90
C MET A 125 -3.24 -8.19 -13.69
N ASN A 126 -2.83 -7.79 -12.49
CA ASN A 126 -3.67 -7.98 -11.30
C ASN A 126 -4.17 -6.66 -10.70
N GLU A 127 -5.48 -6.60 -10.40
CA GLU A 127 -6.15 -5.41 -9.86
C GLU A 127 -6.49 -5.52 -8.35
N ILE A 128 -5.98 -4.58 -7.55
CA ILE A 128 -6.24 -4.56 -6.09
C ILE A 128 -6.46 -3.16 -5.58
N TRP A 129 -7.42 -3.00 -4.67
CA TRP A 129 -7.61 -1.73 -3.97
C TRP A 129 -7.14 -1.79 -2.52
N LEU A 130 -6.33 -0.82 -2.12
CA LEU A 130 -5.99 -0.68 -0.71
C LEU A 130 -6.86 0.43 -0.10
N ARG A 131 -7.33 0.23 1.12
CA ARG A 131 -8.16 1.25 1.75
C ARG A 131 -7.49 1.65 3.07
N CYS A 132 -7.13 2.92 3.20
CA CYS A 132 -6.39 3.41 4.38
C CYS A 132 -7.29 4.17 5.35
N ASP A 133 -6.87 4.23 6.62
CA ASP A 133 -7.72 4.72 7.73
C ASP A 133 -7.74 6.26 7.90
N ASN A 134 -6.70 6.94 7.41
CA ASN A 134 -6.60 8.40 7.58
C ASN A 134 -5.56 8.98 6.62
N GLU A 135 -5.42 10.31 6.60
CA GLU A 135 -4.50 10.98 5.64
C GLU A 135 -3.04 10.58 5.76
N LYS A 136 -2.55 10.45 7.00
CA LYS A 136 -1.15 10.11 7.22
C LYS A 136 -0.82 8.68 6.79
N GLN A 137 -1.67 7.72 7.16
CA GLN A 137 -1.48 6.34 6.68
C GLN A 137 -1.52 6.28 5.16
N TYR A 138 -2.54 6.93 4.58
CA TYR A 138 -2.65 6.99 3.12
C TYR A 138 -1.38 7.58 2.46
N ALA A 139 -0.90 8.71 2.99
CA ALA A 139 0.28 9.37 2.41
C ALA A 139 1.47 8.42 2.40
N HIS A 140 1.69 7.70 3.50
CA HIS A 140 2.82 6.78 3.57
C HIS A 140 2.68 5.57 2.64
N TRP A 141 1.51 4.93 2.62
CA TRP A 141 1.28 3.77 1.75
C TRP A 141 1.23 4.17 0.27
N MET A 142 0.59 5.29 -0.03
CA MET A 142 0.46 5.71 -1.43
C MET A 142 1.83 6.08 -1.95
N ALA A 143 2.64 6.77 -1.13
CA ALA A 143 3.99 7.16 -1.56
C ALA A 143 4.84 5.89 -1.79
N ALA A 144 4.72 4.91 -0.88
CA ALA A 144 5.45 3.64 -1.06
C ALA A 144 5.06 2.91 -2.37
N CYS A 145 3.76 2.88 -2.67
CA CYS A 145 3.28 2.27 -3.92
C CYS A 145 3.85 2.94 -5.18
N ARG A 146 3.84 4.28 -5.19
CA ARG A 146 4.36 5.00 -6.33
C ARG A 146 5.84 4.76 -6.56
N LEU A 147 6.61 4.75 -5.46
CA LEU A 147 8.04 4.54 -5.60
C LEU A 147 8.27 3.11 -6.06
N ALA A 148 7.49 2.17 -5.53
CA ALA A 148 7.70 0.74 -5.87
C ALA A 148 7.37 0.46 -7.34
N SER A 149 6.35 1.15 -7.84
CA SER A 149 5.98 1.09 -9.26
C SER A 149 7.20 1.43 -10.15
N LYS A 150 7.93 2.47 -9.74
CA LYS A 150 9.15 2.92 -10.41
C LYS A 150 10.45 2.17 -10.02
N GLY A 151 10.30 1.06 -9.29
CA GLY A 151 11.43 0.26 -8.83
C GLY A 151 12.25 0.84 -7.68
N LYS A 152 11.64 1.71 -6.86
CA LYS A 152 12.39 2.38 -5.81
C LYS A 152 11.85 1.91 -4.45
N THR A 153 12.71 1.83 -3.45
CA THR A 153 12.25 1.54 -2.09
C THR A 153 12.04 2.83 -1.32
N MET A 154 11.46 2.73 -0.13
CA MET A 154 11.16 3.91 0.69
C MET A 154 12.41 4.58 1.19
N ALA A 155 13.57 3.92 1.05
CA ALA A 155 14.87 4.56 1.36
C ALA A 155 15.25 5.64 0.33
N ASP A 156 14.63 5.62 -0.85
CA ASP A 156 14.91 6.63 -1.88
C ASP A 156 14.58 8.03 -1.35
N SER A 157 15.42 9.00 -1.69
CA SER A 157 15.20 10.41 -1.37
C SER A 157 13.83 10.94 -1.77
N SER A 158 13.21 10.35 -2.80
CA SER A 158 11.89 10.83 -3.23
C SER A 158 10.74 10.36 -2.34
N TYR A 159 11.01 9.45 -1.40
CA TYR A 159 9.94 8.97 -0.51
C TYR A 159 9.29 10.11 0.28
N ASN A 160 10.09 10.88 1.02
CA ASN A 160 9.52 11.95 1.84
C ASN A 160 8.97 13.11 1.00
N LEU A 161 9.53 13.31 -0.21
CA LEU A 161 8.92 14.19 -1.22
C LEU A 161 7.51 13.78 -1.50
N GLU A 162 7.30 12.50 -1.83
CA GLU A 162 5.94 12.02 -2.14
C GLU A 162 5.04 12.13 -0.90
N VAL A 163 5.51 11.66 0.25
CA VAL A 163 4.65 11.68 1.45
C VAL A 163 4.19 13.11 1.77
N GLN A 164 5.13 14.07 1.84
CA GLN A 164 4.79 15.41 2.30
C GLN A 164 3.92 16.12 1.28
N ASN A 165 4.20 15.94 -0.01
CA ASN A 165 3.36 16.60 -1.01
C ASN A 165 1.93 16.00 -1.07
N ILE A 166 1.80 14.69 -0.88
CA ILE A 166 0.45 14.12 -0.70
C ILE A 166 -0.27 14.81 0.47
N LEU A 167 0.39 14.88 1.62
CA LEU A 167 -0.24 15.54 2.77
C LEU A 167 -0.62 16.98 2.49
N SER A 168 0.24 17.70 1.76
CA SER A 168 -0.04 19.10 1.43
C SER A 168 -1.32 19.29 0.63
N PHE A 169 -1.62 18.29 -0.21
CA PHE A 169 -2.75 18.38 -1.12
C PHE A 169 -4.00 17.68 -0.61
N LEU A 170 -3.90 17.11 0.60
CA LEU A 170 -5.06 16.56 1.32
C LEU A 170 -5.74 17.60 2.22
N LYS A 171 -5.26 18.84 2.17
CA LYS A 171 -5.84 19.92 2.97
C LYS A 171 -6.87 20.76 2.22
N MET A 172 -7.67 21.53 2.97
CA MET A 172 -8.69 22.39 2.38
C MET A 172 -8.20 23.84 2.35
N GLN A 173 -8.56 24.57 1.30
CA GLN A 173 -8.18 25.97 1.20
C GLN A 173 -8.92 26.76 2.27
O1 SRT B . 3.27 -14.20 13.22
O11 SRT B . 3.49 -15.79 14.70
C1 SRT B . 3.43 -14.59 14.39
C2 SRT B . 3.57 -13.53 15.45
O2 SRT B . 2.33 -13.02 15.90
C3 SRT B . 4.41 -14.12 16.58
O3 SRT B . 5.63 -13.40 16.38
C4 SRT B . 3.90 -13.88 17.99
O4 SRT B . 3.00 -14.60 18.50
O41 SRT B . 4.42 -13.01 18.71
O1 SRT C . 14.15 1.21 -12.67
O11 SRT C . 15.23 -0.48 -11.77
C1 SRT C . 14.77 0.69 -11.71
C2 SRT C . 14.95 1.44 -10.41
O2 SRT C . 14.95 0.42 -9.39
C3 SRT C . 16.24 2.27 -10.28
O3 SRT C . 16.39 3.25 -11.33
C4 SRT C . 16.32 3.01 -8.96
O4 SRT C . 16.14 2.38 -7.87
O41 SRT C . 16.58 4.25 -9.01
#